data_9J0R
#
_entry.id   9J0R
#
_cell.length_a   50.846
_cell.length_b   76.768
_cell.length_c   124.193
_cell.angle_alpha   90.00
_cell.angle_beta   90.00
_cell.angle_gamma   90.00
#
_symmetry.space_group_name_H-M   'P 21 21 21'
#
loop_
_entity.id
_entity.type
_entity.pdbx_description
1 polymer 'Green to red photoconvertible GFP-like protein EosFP'
2 non-polymer 2,3-DIHYDROXY-1,4-DITHIOBUTANE
3 water water
#
_entity_poly.entity_id   1
_entity_poly.type   'polypeptide(L)'
_entity_poly.pdbx_seq_one_letter_code
;GPEFMSAIKPDMKIKLRMEGNVNGHHFVIDGEGTGKPFEGKQSMDLEVKEGGPLPFAFDILTTAF(5SQ)NRVFAKYPDN
IQDYFKQSFPKGYSWERSMTFEDGGICNARNDITMEGDTFYNKVRFYGTNFPANGPVMQKKTLKWEPSTEKMYVRDGVLT
GDIEMALLLEGGAHYRCDFRTTYKAKEKGVKLPGAHFVDHCIEILSHDKDYNKVKLYEHAVAHSGLPDNARR
;
_entity_poly.pdbx_strand_id   A,B
#
loop_
_chem_comp.id
_chem_comp.type
_chem_comp.name
_chem_comp.formula
DTT non-polymer 2,3-DIHYDROXY-1,4-DITHIOBUTANE 'C4 H10 O2 S2'
#
# COMPACT_ATOMS: atom_id res chain seq x y z
N ALA A 7 -23.90 3.15 13.80
CA ALA A 7 -24.25 2.97 12.39
C ALA A 7 -23.05 2.46 11.60
N ILE A 8 -21.93 3.17 11.74
CA ILE A 8 -20.70 2.81 11.06
C ILE A 8 -19.80 2.10 12.05
N LYS A 9 -19.51 0.84 11.77
CA LYS A 9 -18.76 -0.05 12.64
C LYS A 9 -17.28 0.01 12.34
N PRO A 10 -16.43 -0.44 13.26
CA PRO A 10 -14.99 -0.47 12.99
C PRO A 10 -14.60 -1.26 11.75
N ASP A 11 -15.37 -2.29 11.40
CA ASP A 11 -15.14 -3.10 10.21
C ASP A 11 -16.40 -3.07 9.36
N MET A 12 -16.29 -2.66 8.10
CA MET A 12 -17.45 -2.55 7.22
C MET A 12 -17.16 -3.22 5.89
N LYS A 13 -18.22 -3.63 5.19
CA LYS A 13 -18.06 -4.19 3.85
C LYS A 13 -18.42 -3.15 2.79
N ILE A 14 -18.02 -3.44 1.54
CA ILE A 14 -18.23 -2.54 0.42
C ILE A 14 -18.67 -3.34 -0.79
N LYS A 15 -19.71 -2.87 -1.46
CA LYS A 15 -20.17 -3.42 -2.73
C LYS A 15 -20.24 -2.27 -3.74
N LEU A 16 -19.80 -2.53 -4.97
CA LEU A 16 -19.66 -1.45 -5.93
C LEU A 16 -19.98 -1.97 -7.33
N ARG A 17 -20.65 -1.14 -8.13
CA ARG A 17 -20.77 -1.40 -9.55
C ARG A 17 -20.41 -0.11 -10.28
N MET A 18 -19.49 -0.19 -11.24
CA MET A 18 -19.15 0.99 -12.02
C MET A 18 -19.57 0.71 -13.46
N GLU A 19 -20.28 1.63 -14.07
CA GLU A 19 -20.56 1.63 -15.49
C GLU A 19 -19.78 2.76 -16.15
N GLY A 20 -19.05 2.45 -17.22
CA GLY A 20 -18.13 3.40 -17.78
C GLY A 20 -18.10 3.41 -19.29
N ASN A 21 -17.56 4.50 -19.82
CA ASN A 21 -17.35 4.66 -21.25
C ASN A 21 -16.13 5.56 -21.42
N VAL A 22 -15.04 5.02 -21.95
CA VAL A 22 -13.79 5.75 -22.12
C VAL A 22 -13.39 5.68 -23.58
N ASN A 23 -13.33 6.86 -24.23
CA ASN A 23 -13.02 6.95 -25.66
C ASN A 23 -13.92 6.03 -26.48
N GLY A 24 -15.20 5.97 -26.11
CA GLY A 24 -16.15 5.19 -26.85
C GLY A 24 -16.27 3.74 -26.44
N HIS A 25 -15.43 3.27 -25.51
CA HIS A 25 -15.42 1.87 -25.09
C HIS A 25 -16.21 1.72 -23.80
N HIS A 26 -17.33 1.01 -23.89
CA HIS A 26 -18.19 0.79 -22.74
C HIS A 26 -17.70 -0.39 -21.91
N PHE A 27 -17.91 -0.29 -20.59
CA PHE A 27 -17.50 -1.37 -19.71
C PHE A 27 -18.31 -1.29 -18.42
N VAL A 28 -18.32 -2.42 -17.70
CA VAL A 28 -18.99 -2.54 -16.41
C VAL A 28 -18.02 -3.30 -15.51
N ILE A 29 -17.79 -2.79 -14.30
CA ILE A 29 -16.88 -3.42 -13.36
C ILE A 29 -17.58 -3.55 -12.01
N ASP A 30 -17.52 -4.73 -11.41
CA ASP A 30 -18.06 -4.96 -10.08
C ASP A 30 -16.94 -5.04 -9.06
N GLY A 31 -17.22 -4.57 -7.84
CA GLY A 31 -16.26 -4.67 -6.77
C GLY A 31 -16.89 -5.17 -5.48
N GLU A 32 -16.08 -5.86 -4.69
CA GLU A 32 -16.47 -6.23 -3.33
C GLU A 32 -15.26 -6.04 -2.45
N GLY A 33 -15.44 -5.37 -1.31
CA GLY A 33 -14.30 -5.06 -0.48
C GLY A 33 -14.64 -5.01 0.99
N THR A 34 -13.63 -4.68 1.78
CA THR A 34 -13.73 -4.52 3.22
C THR A 34 -12.85 -3.35 3.63
N GLY A 35 -13.14 -2.76 4.78
CA GLY A 35 -12.34 -1.63 5.22
C GLY A 35 -12.59 -1.31 6.66
N LYS A 36 -11.71 -0.45 7.19
CA LYS A 36 -11.83 0.07 8.54
C LYS A 36 -12.08 1.56 8.42
N PRO A 37 -13.33 2.02 8.55
CA PRO A 37 -13.60 3.45 8.30
C PRO A 37 -12.83 4.39 9.21
N PHE A 38 -12.51 3.97 10.42
CA PHE A 38 -11.87 4.88 11.35
C PHE A 38 -10.35 4.85 11.27
N GLU A 39 -9.78 3.83 10.63
CA GLU A 39 -8.37 3.83 10.26
C GLU A 39 -8.13 4.43 8.88
N GLY A 40 -9.21 4.69 8.13
CA GLY A 40 -9.06 5.18 6.77
C GLY A 40 -8.45 4.20 5.80
N LYS A 41 -8.72 2.91 5.94
CA LYS A 41 -8.13 1.91 5.07
C LYS A 41 -9.22 1.07 4.42
N GLN A 42 -9.01 0.69 3.16
CA GLN A 42 -9.97 -0.18 2.51
C GLN A 42 -9.30 -0.92 1.36
N SER A 43 -9.80 -2.12 1.11
CA SER A 43 -9.35 -2.94 -0.01
C SER A 43 -10.56 -3.42 -0.79
N MET A 44 -10.38 -3.61 -2.09
CA MET A 44 -11.46 -4.04 -2.97
C MET A 44 -10.94 -5.01 -4.01
N ASP A 45 -11.69 -6.08 -4.23
CA ASP A 45 -11.50 -6.96 -5.39
C ASP A 45 -12.44 -6.51 -6.50
N LEU A 46 -11.85 -6.22 -7.65
CA LEU A 46 -12.56 -5.71 -8.81
C LEU A 46 -12.57 -6.75 -9.92
N GLU A 47 -13.68 -6.85 -10.65
CA GLU A 47 -13.75 -7.76 -11.77
C GLU A 47 -14.52 -7.11 -12.91
N VAL A 48 -13.93 -7.13 -14.10
CA VAL A 48 -14.60 -6.58 -15.28
C VAL A 48 -15.72 -7.54 -15.67
N LYS A 49 -16.95 -7.01 -15.73
CA LYS A 49 -18.14 -7.81 -16.03
C LYS A 49 -18.64 -7.61 -17.45
N GLU A 50 -18.20 -6.54 -18.11
CA GLU A 50 -18.53 -6.29 -19.50
C GLU A 50 -17.47 -5.36 -20.08
N GLY A 51 -17.15 -5.57 -21.36
CA GLY A 51 -16.18 -4.73 -22.05
C GLY A 51 -14.73 -5.11 -21.87
N GLY A 52 -14.43 -6.26 -21.29
CA GLY A 52 -13.07 -6.71 -21.16
C GLY A 52 -12.57 -7.38 -22.41
N PRO A 53 -11.25 -7.35 -22.65
CA PRO A 53 -10.19 -6.69 -21.86
C PRO A 53 -10.19 -5.17 -22.11
N LEU A 54 -10.01 -4.36 -21.06
CA LEU A 54 -10.05 -2.91 -21.22
C LEU A 54 -8.89 -2.43 -22.09
N PRO A 55 -9.13 -1.55 -23.05
CA PRO A 55 -8.05 -1.07 -23.92
C PRO A 55 -7.37 0.19 -23.42
N PHE A 56 -7.50 0.51 -22.15
CA PHE A 56 -6.90 1.70 -21.57
C PHE A 56 -6.35 1.38 -20.19
N ALA A 57 -5.56 2.31 -19.66
CA ALA A 57 -4.89 2.10 -18.37
C ALA A 57 -5.90 2.00 -17.23
N PHE A 58 -5.86 0.88 -16.50
CA PHE A 58 -6.75 0.69 -15.36
C PHE A 58 -6.60 1.80 -14.34
N ASP A 59 -5.40 2.39 -14.24
CA ASP A 59 -5.13 3.41 -13.23
C ASP A 59 -6.07 4.60 -13.33
N ILE A 60 -6.63 4.89 -14.52
CA ILE A 60 -7.49 6.08 -14.58
C ILE A 60 -8.77 5.87 -13.80
N LEU A 61 -9.12 4.60 -13.53
CA LEU A 61 -10.37 4.27 -12.85
C LEU A 61 -10.24 4.21 -11.34
N THR A 62 -9.04 4.03 -10.82
CA THR A 62 -8.91 3.50 -9.46
C THR A 62 -9.40 4.48 -8.40
N THR A 63 -9.21 5.80 -8.60
CA THR A 63 -9.73 6.75 -7.60
C THR A 63 -11.25 6.87 -7.64
N ALA A 64 -11.90 6.38 -8.68
CA ALA A 64 -13.36 6.34 -8.67
C ALA A 64 -13.87 5.16 -7.87
N PHE A 65 -13.08 4.09 -7.76
CA PHE A 65 -13.41 2.99 -6.87
C PHE A 65 -13.18 3.38 -5.42
C1 5SQ A 66 -11.55 6.09 -3.89
C2 5SQ A 66 -12.47 8.22 -3.92
O3 5SQ A 66 -16.33 6.86 -3.38
C3 5SQ A 66 -15.12 6.94 -3.05
CA3 5SQ A 66 -14.11 6.23 -3.94
N3 5SQ A 66 -12.77 6.79 -3.90
O2 5SQ A 66 -13.14 9.18 -3.95
CA1 5SQ A 66 -11.63 4.54 -3.87
N1 5SQ A 66 -12.09 4.12 -5.19
CB1 5SQ A 66 -10.28 3.91 -3.50
CG1 5SQ A 66 -10.40 2.41 -3.12
C2H 5SQ A 66 -9.32 1.59 -2.98
N2H 5SQ A 66 -9.76 0.39 -2.66
N1H 5SQ A 66 -11.50 1.70 -2.91
C1H 5SQ A 66 -11.10 0.43 -2.63
N2 5SQ A 66 -10.40 6.91 -3.87
CA2 5SQ A 66 -10.94 8.30 -3.92
CB2 5SQ A 66 -9.93 9.14 -3.87
CG2 5SQ A 66 -8.43 9.17 -3.97
CD2 5SQ A 66 -7.54 8.13 -3.79
CE2 5SQ A 66 -6.21 8.45 -4.02
CD1 5SQ A 66 -8.08 10.44 -4.42
CE1 5SQ A 66 -6.76 10.77 -4.64
CZ1 5SQ A 66 -5.84 9.75 -4.41
OH 5SQ A 66 -4.49 9.99 -4.64
N ASN A 67 -14.71 6.71 -1.81
CA ASN A 67 -15.65 6.86 -0.70
C ASN A 67 -14.94 7.37 0.54
N ARG A 68 -15.08 8.67 0.80
CA ARG A 68 -14.31 9.30 1.86
C ARG A 68 -14.85 8.96 3.26
N VAL A 69 -15.86 8.09 3.36
CA VAL A 69 -16.17 7.41 4.63
C VAL A 69 -14.92 6.72 5.15
N PHE A 70 -14.13 6.13 4.25
CA PHE A 70 -12.91 5.45 4.62
C PHE A 70 -11.75 6.46 4.63
N ALA A 71 -11.76 7.27 5.67
CA ALA A 71 -10.70 8.24 5.91
C ALA A 71 -10.63 8.43 7.42
N LYS A 72 -9.42 8.50 7.94
CA LYS A 72 -9.23 8.69 9.37
C LYS A 72 -9.34 10.18 9.68
N TYR A 73 -10.36 10.57 10.45
CA TYR A 73 -10.55 11.97 10.81
C TYR A 73 -10.17 12.21 12.26
N PRO A 74 -9.27 13.15 12.56
CA PRO A 74 -9.01 13.49 13.97
C PRO A 74 -10.22 14.17 14.59
N ASP A 75 -10.24 14.23 15.92
CA ASP A 75 -11.44 14.70 16.58
C ASP A 75 -11.64 16.21 16.44
N ASN A 76 -10.70 16.92 15.84
CA ASN A 76 -10.83 18.36 15.68
C ASN A 76 -11.21 18.77 14.26
N ILE A 77 -11.59 17.82 13.41
CA ILE A 77 -12.14 18.09 12.09
C ILE A 77 -13.46 17.34 11.97
N GLN A 78 -14.54 18.04 11.60
CA GLN A 78 -15.81 17.34 11.44
C GLN A 78 -15.78 16.42 10.24
N ASP A 79 -16.39 15.25 10.43
CA ASP A 79 -16.34 14.16 9.45
C ASP A 79 -17.68 14.17 8.72
N TYR A 80 -17.76 14.98 7.66
CA TYR A 80 -18.98 15.13 6.89
C TYR A 80 -19.50 13.79 6.37
N PHE A 81 -18.59 12.90 6.01
CA PHE A 81 -18.99 11.68 5.34
C PHE A 81 -19.60 10.68 6.32
N LYS A 82 -18.99 10.51 7.49
CA LYS A 82 -19.60 9.63 8.46
C LYS A 82 -20.89 10.18 9.05
N GLN A 83 -21.17 11.48 8.89
CA GLN A 83 -22.43 12.04 9.36
C GLN A 83 -23.54 11.98 8.32
N SER A 84 -23.28 11.45 7.13
CA SER A 84 -24.23 11.48 6.02
CA SER A 84 -24.24 11.49 6.04
C SER A 84 -25.13 10.26 5.97
N PHE A 85 -24.99 9.33 6.89
CA PHE A 85 -25.79 8.12 6.81
C PHE A 85 -26.91 8.11 7.83
N PRO A 86 -27.99 7.33 7.61
CA PRO A 86 -28.17 6.25 6.63
C PRO A 86 -28.50 6.66 5.19
N LYS A 87 -28.94 7.89 4.91
CA LYS A 87 -29.30 8.24 3.54
C LYS A 87 -28.08 8.19 2.61
N GLY A 88 -26.93 8.60 3.10
CA GLY A 88 -25.72 8.58 2.31
C GLY A 88 -25.40 9.91 1.67
N TYR A 89 -24.56 9.84 0.65
CA TYR A 89 -24.07 11.05 -0.01
C TYR A 89 -23.66 10.69 -1.42
N SER A 90 -23.35 11.72 -2.20
CA SER A 90 -22.89 11.50 -3.56
C SER A 90 -21.73 12.44 -3.87
N TRP A 91 -20.93 12.09 -4.87
CA TRP A 91 -19.91 13.04 -5.32
C TRP A 91 -19.88 13.06 -6.83
N GLU A 92 -19.41 14.19 -7.37
CA GLU A 92 -19.17 14.39 -8.80
C GLU A 92 -17.77 14.95 -8.98
N ARG A 93 -17.04 14.41 -9.96
CA ARG A 93 -15.61 14.68 -10.08
C ARG A 93 -15.24 14.94 -11.52
N SER A 94 -14.39 15.95 -11.73
CA SER A 94 -13.74 16.16 -13.01
C SER A 94 -12.27 15.82 -12.86
N MET A 95 -11.72 15.19 -13.89
CA MET A 95 -10.31 14.83 -13.94
C MET A 95 -9.77 15.39 -15.24
N THR A 96 -8.87 16.36 -15.15
CA THR A 96 -8.37 17.06 -16.32
C THR A 96 -6.91 16.67 -16.52
N PHE A 97 -6.65 15.83 -17.50
CA PHE A 97 -5.28 15.37 -17.74
C PHE A 97 -4.50 16.37 -18.59
N GLU A 98 -3.17 16.38 -18.40
CA GLU A 98 -2.36 17.42 -19.02
C GLU A 98 -2.37 17.35 -20.55
N ASP A 99 -2.63 16.18 -21.14
CA ASP A 99 -2.58 16.02 -22.59
C ASP A 99 -3.94 16.15 -23.24
N GLY A 100 -4.95 16.62 -22.53
CA GLY A 100 -6.26 16.85 -23.09
C GLY A 100 -7.30 15.79 -22.74
N GLY A 101 -6.87 14.65 -22.22
CA GLY A 101 -7.83 13.67 -21.74
C GLY A 101 -8.67 14.27 -20.62
N ILE A 102 -9.96 13.93 -20.61
CA ILE A 102 -10.86 14.48 -19.61
C ILE A 102 -11.78 13.37 -19.16
N CYS A 103 -11.97 13.28 -17.85
CA CYS A 103 -12.90 12.32 -17.28
C CYS A 103 -13.86 13.03 -16.36
N ASN A 104 -15.08 12.49 -16.30
CA ASN A 104 -16.08 12.93 -15.35
C ASN A 104 -16.62 11.67 -14.70
N ALA A 105 -16.78 11.71 -13.39
CA ALA A 105 -17.24 10.52 -12.67
C ALA A 105 -18.17 10.95 -11.55
N ARG A 106 -19.07 10.05 -11.17
CA ARG A 106 -19.99 10.32 -10.08
C ARG A 106 -20.17 9.01 -9.32
N ASN A 107 -20.39 9.14 -8.01
CA ASN A 107 -20.69 8.00 -7.16
C ASN A 107 -21.88 8.37 -6.29
N ASP A 108 -22.84 7.45 -6.16
CA ASP A 108 -23.93 7.58 -5.20
C ASP A 108 -23.73 6.47 -4.18
N ILE A 109 -23.55 6.86 -2.92
CA ILE A 109 -23.16 5.94 -1.86
C ILE A 109 -24.32 5.78 -0.89
N THR A 110 -24.72 4.53 -0.65
CA THR A 110 -25.77 4.19 0.29
C THR A 110 -25.25 3.11 1.22
N MET A 111 -26.05 2.76 2.23
CA MET A 111 -25.65 1.77 3.20
C MET A 111 -26.82 0.83 3.48
N GLU A 112 -26.53 -0.47 3.50
CA GLU A 112 -27.45 -1.48 4.02
C GLU A 112 -26.69 -2.34 5.01
N GLY A 113 -27.16 -2.38 6.25
CA GLY A 113 -26.50 -3.24 7.24
C GLY A 113 -25.06 -2.82 7.41
N ASP A 114 -24.14 -3.80 7.32
CA ASP A 114 -22.72 -3.50 7.43
C ASP A 114 -22.05 -3.25 6.09
N THR A 115 -22.80 -2.87 5.05
CA THR A 115 -22.23 -2.73 3.72
C THR A 115 -22.53 -1.36 3.13
N PHE A 116 -21.50 -0.72 2.59
CA PHE A 116 -21.68 0.46 1.76
C PHE A 116 -21.89 0.02 0.32
N TYR A 117 -22.87 0.62 -0.35
CA TYR A 117 -23.17 0.34 -1.75
C TYR A 117 -22.80 1.55 -2.59
N ASN A 118 -22.05 1.32 -3.66
CA ASN A 118 -21.53 2.39 -4.52
C ASN A 118 -22.05 2.18 -5.93
N LYS A 119 -22.73 3.19 -6.47
CA LYS A 119 -23.14 3.19 -7.87
C LYS A 119 -22.30 4.26 -8.56
N VAL A 120 -21.33 3.81 -9.35
CA VAL A 120 -20.35 4.69 -9.98
C VAL A 120 -20.59 4.78 -11.47
N ARG A 121 -20.48 5.99 -12.00
CA ARG A 121 -20.48 6.24 -13.44
C ARG A 121 -19.19 6.94 -13.83
N PHE A 122 -18.60 6.52 -14.94
CA PHE A 122 -17.28 7.00 -15.33
C PHE A 122 -17.26 7.29 -16.82
N TYR A 123 -16.95 8.52 -17.19
CA TYR A 123 -16.93 8.91 -18.59
C TYR A 123 -15.58 9.54 -18.89
N GLY A 124 -14.89 9.02 -19.90
CA GLY A 124 -13.62 9.60 -20.31
C GLY A 124 -13.60 9.81 -21.81
N THR A 125 -12.91 10.87 -22.23
CA THR A 125 -12.83 11.15 -23.66
C THR A 125 -11.60 12.00 -23.92
N ASN A 126 -11.24 12.12 -25.21
CA ASN A 126 -10.15 12.97 -25.68
C ASN A 126 -8.78 12.47 -25.25
N PHE A 127 -8.65 11.18 -24.92
CA PHE A 127 -7.33 10.62 -24.67
C PHE A 127 -6.62 10.38 -25.99
N PRO A 128 -5.40 10.89 -26.16
CA PRO A 128 -4.67 10.64 -27.41
C PRO A 128 -4.42 9.16 -27.64
N ALA A 129 -4.52 8.75 -28.92
CA ALA A 129 -4.38 7.35 -29.25
C ALA A 129 -3.02 6.79 -28.82
N ASN A 130 -1.97 7.58 -28.94
CA ASN A 130 -0.63 7.12 -28.57
C ASN A 130 -0.18 7.63 -27.20
N GLY A 131 -1.11 8.15 -26.40
CA GLY A 131 -0.78 8.60 -25.07
C GLY A 131 -0.69 7.46 -24.08
N PRO A 132 -0.24 7.78 -22.86
CA PRO A 132 0.00 6.73 -21.87
C PRO A 132 -1.26 6.04 -21.39
N VAL A 133 -2.42 6.66 -21.51
CA VAL A 133 -3.63 6.02 -21.05
C VAL A 133 -4.10 4.97 -22.06
N MET A 134 -4.19 5.34 -23.34
CA MET A 134 -4.63 4.37 -24.32
C MET A 134 -3.54 3.33 -24.63
N GLN A 135 -2.28 3.63 -24.37
CA GLN A 135 -1.20 2.68 -24.57
C GLN A 135 -0.84 1.88 -23.31
N LYS A 136 -1.55 2.11 -22.20
CA LYS A 136 -1.37 1.36 -20.97
C LYS A 136 0.09 1.42 -20.48
N LYS A 137 0.59 2.65 -20.35
CA LYS A 137 1.97 2.87 -19.91
C LYS A 137 2.03 3.51 -18.51
N THR A 138 0.95 3.45 -17.74
CA THR A 138 0.98 4.02 -16.40
C THR A 138 1.45 2.99 -15.40
N LEU A 139 1.98 3.47 -14.28
CA LEU A 139 2.47 2.57 -13.23
C LEU A 139 1.73 2.72 -11.91
N LYS A 140 1.48 3.94 -11.45
CA LYS A 140 0.81 4.18 -10.17
C LYS A 140 0.53 5.67 -10.02
N TRP A 141 -0.45 5.99 -9.18
CA TRP A 141 -0.63 7.36 -8.73
C TRP A 141 0.36 7.65 -7.61
N GLU A 142 0.97 8.83 -7.66
CA GLU A 142 1.80 9.25 -6.55
C GLU A 142 0.91 9.63 -5.36
N PRO A 143 1.40 9.44 -4.13
CA PRO A 143 0.68 9.94 -2.95
C PRO A 143 0.31 11.40 -3.14
N SER A 144 -0.89 11.77 -2.65
CA SER A 144 -1.43 13.08 -2.93
C SER A 144 -2.00 13.68 -1.66
N THR A 145 -2.32 14.97 -1.72
CA THR A 145 -3.07 15.63 -0.66
C THR A 145 -4.24 16.38 -1.26
N GLU A 146 -5.44 16.01 -0.86
CA GLU A 146 -6.67 16.65 -1.32
C GLU A 146 -6.99 17.83 -0.41
N LYS A 147 -7.16 19.01 -0.99
CA LYS A 147 -7.55 20.20 -0.26
C LYS A 147 -9.06 20.27 -0.19
N MET A 148 -9.63 20.17 1.02
CA MET A 148 -11.08 20.21 1.20
C MET A 148 -11.48 21.59 1.69
N TYR A 149 -12.49 22.17 1.05
CA TYR A 149 -12.90 23.52 1.39
C TYR A 149 -14.33 23.71 0.88
N VAL A 150 -14.93 24.85 1.24
CA VAL A 150 -16.30 25.14 0.84
C VAL A 150 -16.26 26.22 -0.23
N ARG A 151 -16.84 25.93 -1.39
CA ARG A 151 -16.96 26.91 -2.46
C ARG A 151 -18.43 27.02 -2.81
N ASP A 152 -19.00 28.21 -2.64
CA ASP A 152 -20.39 28.46 -3.00
C ASP A 152 -21.34 27.53 -2.24
N GLY A 153 -21.00 27.26 -0.98
CA GLY A 153 -21.83 26.41 -0.13
C GLY A 153 -21.74 24.93 -0.40
N VAL A 154 -20.75 24.46 -1.17
CA VAL A 154 -20.61 23.05 -1.50
C VAL A 154 -19.22 22.59 -1.07
N LEU A 155 -19.17 21.48 -0.33
CA LEU A 155 -17.89 20.87 0.01
C LEU A 155 -17.18 20.41 -1.26
N THR A 156 -15.92 20.83 -1.39
CA THR A 156 -15.16 20.64 -2.62
C THR A 156 -13.77 20.14 -2.26
N GLY A 157 -13.27 19.21 -3.07
CA GLY A 157 -11.89 18.78 -2.87
C GLY A 157 -11.10 18.97 -4.15
N ASP A 158 -9.93 19.59 -4.04
CA ASP A 158 -9.05 19.81 -5.19
C ASP A 158 -7.77 19.01 -4.98
N ILE A 159 -7.28 18.38 -6.05
CA ILE A 159 -6.03 17.63 -5.98
C ILE A 159 -5.23 17.86 -7.25
N GLU A 160 -3.92 18.09 -7.11
CA GLU A 160 -3.02 18.01 -8.24
C GLU A 160 -2.40 16.63 -8.19
N MET A 161 -2.79 15.78 -9.12
CA MET A 161 -2.37 14.38 -9.09
C MET A 161 -1.31 14.14 -10.15
N ALA A 162 -0.55 13.07 -9.96
CA ALA A 162 0.46 12.68 -10.94
C ALA A 162 0.52 11.17 -11.03
N LEU A 163 0.42 10.66 -12.25
CA LEU A 163 0.62 9.24 -12.54
C LEU A 163 2.07 9.05 -12.96
N LEU A 164 2.79 8.17 -12.27
CA LEU A 164 4.11 7.76 -12.72
C LEU A 164 3.96 6.89 -13.96
N LEU A 165 4.79 7.15 -14.97
CA LEU A 165 4.74 6.38 -16.20
C LEU A 165 5.94 5.45 -16.30
N GLU A 166 5.79 4.43 -17.12
CA GLU A 166 6.94 3.66 -17.58
C GLU A 166 7.97 4.61 -18.16
N GLY A 167 9.21 4.47 -17.71
CA GLY A 167 10.26 5.37 -18.08
C GLY A 167 10.59 6.43 -17.04
N GLY A 168 9.66 6.68 -16.10
CA GLY A 168 9.93 7.57 -15.00
C GLY A 168 9.32 8.96 -15.12
N ALA A 169 8.76 9.31 -16.27
CA ALA A 169 8.05 10.58 -16.39
C ALA A 169 6.77 10.56 -15.56
N HIS A 170 6.27 11.76 -15.27
CA HIS A 170 4.99 11.91 -14.60
C HIS A 170 3.99 12.54 -15.55
N TYR A 171 2.73 12.21 -15.32
CA TYR A 171 1.61 12.58 -16.19
C TYR A 171 0.57 13.21 -15.29
N ARG A 172 0.38 14.52 -15.43
CA ARG A 172 -0.37 15.29 -14.45
C ARG A 172 -1.87 15.22 -14.70
N CYS A 173 -2.64 15.27 -13.62
CA CYS A 173 -4.09 15.33 -13.70
C CYS A 173 -4.61 16.22 -12.59
N ASP A 174 -5.48 17.17 -12.93
CA ASP A 174 -6.11 18.01 -11.92
C ASP A 174 -7.50 17.47 -11.58
N PHE A 175 -7.73 17.20 -10.29
CA PHE A 175 -9.00 16.70 -9.78
C PHE A 175 -9.78 17.83 -9.12
N ARG A 176 -11.08 17.91 -9.40
CA ARG A 176 -12.00 18.66 -8.55
C ARG A 176 -13.21 17.78 -8.28
N THR A 177 -13.55 17.61 -7.00
CA THR A 177 -14.70 16.78 -6.62
C THR A 177 -15.63 17.61 -5.77
N THR A 178 -16.93 17.53 -6.04
CA THR A 178 -17.89 18.10 -5.11
C THR A 178 -18.61 16.97 -4.38
N TYR A 179 -18.90 17.19 -3.10
CA TYR A 179 -19.44 16.18 -2.19
C TYR A 179 -20.71 16.72 -1.56
N LYS A 180 -21.78 15.91 -1.56
CA LYS A 180 -23.07 16.41 -1.10
C LYS A 180 -23.83 15.33 -0.35
N ALA A 181 -24.10 15.57 0.93
CA ALA A 181 -24.94 14.69 1.69
C ALA A 181 -26.36 14.67 1.13
N LYS A 182 -27.03 13.52 1.23
CA LYS A 182 -28.38 13.40 0.71
C LYS A 182 -29.40 14.09 1.62
N GLU A 183 -29.16 14.09 2.93
CA GLU A 183 -30.02 14.81 3.87
C GLU A 183 -29.77 16.30 3.78
N LYS A 184 -30.84 17.08 3.90
CA LYS A 184 -30.77 18.51 3.61
C LYS A 184 -29.89 19.26 4.61
N GLY A 185 -30.04 18.99 5.90
CA GLY A 185 -29.43 19.86 6.89
C GLY A 185 -28.07 19.48 7.45
N VAL A 186 -27.29 18.70 6.72
CA VAL A 186 -26.02 18.21 7.24
C VAL A 186 -25.00 19.34 7.21
N LYS A 187 -24.47 19.69 8.38
CA LYS A 187 -23.57 20.83 8.49
C LYS A 187 -22.28 20.58 7.73
N LEU A 188 -21.82 21.57 6.97
CA LEU A 188 -20.56 21.45 6.27
C LEU A 188 -19.39 21.45 7.25
N PRO A 189 -18.32 20.70 6.97
CA PRO A 189 -17.15 20.71 7.83
C PRO A 189 -16.31 21.96 7.58
N GLY A 190 -15.40 22.23 8.51
CA GLY A 190 -14.35 23.19 8.23
C GLY A 190 -13.39 22.68 7.16
N ALA A 191 -12.63 23.61 6.59
CA ALA A 191 -11.64 23.22 5.59
C ALA A 191 -10.54 22.39 6.23
N HIS A 192 -9.91 21.54 5.42
CA HIS A 192 -8.90 20.62 5.92
C HIS A 192 -8.24 19.96 4.72
N PHE A 193 -7.34 19.01 5.02
CA PHE A 193 -6.64 18.26 4.00
C PHE A 193 -6.86 16.77 4.23
N VAL A 194 -6.80 15.98 3.15
CA VAL A 194 -6.85 14.53 3.24
C VAL A 194 -5.67 13.98 2.46
N ASP A 195 -4.74 13.31 3.15
CA ASP A 195 -3.65 12.61 2.46
C ASP A 195 -4.16 11.27 1.94
N HIS A 196 -3.81 10.95 0.70
CA HIS A 196 -4.26 9.74 0.03
C HIS A 196 -3.05 8.97 -0.46
N CYS A 197 -3.14 7.64 -0.39
CA CYS A 197 -2.31 6.81 -1.25
C CYS A 197 -3.18 5.68 -1.75
N ILE A 198 -2.97 5.28 -2.99
CA ILE A 198 -3.79 4.23 -3.60
C ILE A 198 -2.84 3.32 -4.36
N GLU A 199 -3.07 2.02 -4.25
CA GLU A 199 -2.16 1.02 -4.79
C GLU A 199 -2.92 -0.16 -5.40
N ILE A 200 -2.55 -0.54 -6.62
CA ILE A 200 -3.00 -1.82 -7.14
C ILE A 200 -2.11 -2.88 -6.51
N LEU A 201 -2.69 -3.70 -5.63
CA LEU A 201 -1.91 -4.71 -4.94
C LEU A 201 -1.59 -5.90 -5.84
N SER A 202 -2.48 -6.22 -6.78
CA SER A 202 -2.30 -7.34 -7.69
C SER A 202 -3.33 -7.21 -8.80
N HIS A 203 -3.09 -7.94 -9.88
CA HIS A 203 -3.96 -7.93 -11.03
C HIS A 203 -3.60 -9.12 -11.91
N ASP A 204 -4.55 -9.55 -12.71
CA ASP A 204 -4.23 -10.57 -13.70
C ASP A 204 -3.77 -9.87 -14.98
N LYS A 205 -3.46 -10.67 -16.02
CA LYS A 205 -2.70 -10.15 -17.15
C LYS A 205 -3.42 -8.99 -17.84
N ASP A 206 -4.72 -9.12 -18.06
CA ASP A 206 -5.48 -8.12 -18.79
C ASP A 206 -6.18 -7.13 -17.86
N TYR A 207 -5.88 -7.17 -16.56
CA TYR A 207 -6.57 -6.35 -15.56
C TYR A 207 -8.08 -6.63 -15.54
N ASN A 208 -8.48 -7.87 -15.86
CA ASN A 208 -9.88 -8.26 -15.69
C ASN A 208 -10.22 -8.44 -14.22
N LYS A 209 -9.21 -8.71 -13.40
CA LYS A 209 -9.34 -8.85 -11.96
C LYS A 209 -8.24 -8.04 -11.32
N VAL A 210 -8.60 -7.15 -10.40
CA VAL A 210 -7.66 -6.24 -9.78
C VAL A 210 -7.97 -6.21 -8.29
N LYS A 211 -6.94 -6.22 -7.46
CA LYS A 211 -7.08 -5.92 -6.04
C LYS A 211 -6.51 -4.54 -5.76
N LEU A 212 -7.31 -3.69 -5.13
CA LEU A 212 -7.01 -2.28 -4.96
C LEU A 212 -7.02 -1.94 -3.47
N TYR A 213 -6.15 -1.03 -3.06
CA TYR A 213 -6.08 -0.61 -1.66
C TYR A 213 -5.93 0.90 -1.59
N GLU A 214 -6.57 1.53 -0.60
CA GLU A 214 -6.39 2.97 -0.39
C GLU A 214 -6.29 3.25 1.11
N HIS A 215 -5.49 4.26 1.45
CA HIS A 215 -5.33 4.72 2.82
C HIS A 215 -5.48 6.22 2.80
N ALA A 216 -6.42 6.75 3.60
CA ALA A 216 -6.71 8.19 3.58
C ALA A 216 -6.74 8.71 5.00
N VAL A 217 -6.05 9.83 5.25
CA VAL A 217 -5.95 10.42 6.59
C VAL A 217 -6.21 11.92 6.48
N ALA A 218 -7.18 12.43 7.23
CA ALA A 218 -7.44 13.86 7.23
C ALA A 218 -6.55 14.58 8.25
N HIS A 219 -6.19 15.82 7.95
CA HIS A 219 -5.35 16.61 8.86
C HIS A 219 -5.57 18.09 8.61
N SER A 220 -5.10 18.90 9.56
CA SER A 220 -5.32 20.34 9.56
C SER A 220 -4.16 21.14 8.98
N GLY A 221 -3.09 20.50 8.54
CA GLY A 221 -1.93 21.22 8.05
C GLY A 221 -1.42 20.79 6.69
N ALA B 7 14.51 -19.70 -12.79
CA ALA B 7 14.03 -20.14 -11.48
C ALA B 7 12.91 -19.24 -10.96
N ILE B 8 12.96 -17.96 -11.28
CA ILE B 8 12.01 -16.99 -10.78
C ILE B 8 10.94 -16.76 -11.84
N LYS B 9 9.68 -17.01 -11.47
CA LYS B 9 8.54 -16.85 -12.37
C LYS B 9 7.87 -15.52 -12.11
N PRO B 10 7.06 -15.01 -13.04
CA PRO B 10 6.36 -13.74 -12.78
C PRO B 10 5.44 -13.76 -11.56
N ASP B 11 4.85 -14.90 -11.23
CA ASP B 11 4.02 -15.04 -10.03
C ASP B 11 4.63 -16.13 -9.16
N MET B 12 4.93 -15.80 -7.90
CA MET B 12 5.54 -16.74 -6.98
C MET B 12 4.74 -16.77 -5.68
N LYS B 13 4.87 -17.85 -4.94
CA LYS B 13 4.26 -17.96 -3.62
C LYS B 13 5.34 -17.82 -2.54
N ILE B 14 4.90 -17.53 -1.32
CA ILE B 14 5.79 -17.34 -0.18
C ILE B 14 5.23 -18.06 1.04
N LYS B 15 6.09 -18.81 1.72
CA LYS B 15 5.80 -19.43 2.99
C LYS B 15 6.85 -18.99 3.99
N LEU B 16 6.44 -18.72 5.21
CA LEU B 16 7.34 -18.11 6.19
C LEU B 16 7.01 -18.58 7.59
N ARG B 17 8.04 -18.81 8.39
CA ARG B 17 7.86 -19.01 9.83
C ARG B 17 8.89 -18.17 10.56
N MET B 18 8.44 -17.32 11.48
CA MET B 18 9.36 -16.55 12.30
C MET B 18 9.23 -17.02 13.73
N GLU B 19 10.37 -17.22 14.37
CA GLU B 19 10.44 -17.51 15.79
C GLU B 19 11.18 -16.36 16.43
N GLY B 20 10.65 -15.87 17.54
CA GLY B 20 11.11 -14.59 18.04
C GLY B 20 11.05 -14.47 19.54
N ASN B 21 11.72 -13.43 20.02
CA ASN B 21 11.73 -13.12 21.45
C ASN B 21 12.04 -11.64 21.53
N VAL B 22 11.09 -10.85 22.02
CA VAL B 22 11.26 -9.40 22.19
C VAL B 22 11.08 -9.09 23.67
N ASN B 23 12.11 -8.49 24.27
CA ASN B 23 12.13 -8.17 25.70
C ASN B 23 11.76 -9.39 26.54
N GLY B 24 12.16 -10.59 26.09
CA GLY B 24 11.92 -11.80 26.84
C GLY B 24 10.62 -12.51 26.51
N HIS B 25 9.79 -11.94 25.64
CA HIS B 25 8.50 -12.52 25.29
C HIS B 25 8.65 -13.33 24.00
N HIS B 26 8.42 -14.64 24.11
CA HIS B 26 8.57 -15.54 22.97
C HIS B 26 7.32 -15.55 22.11
N PHE B 27 7.52 -15.69 20.79
CA PHE B 27 6.39 -15.76 19.88
C PHE B 27 6.80 -16.53 18.63
N VAL B 28 5.77 -17.05 17.93
CA VAL B 28 5.92 -17.74 16.66
C VAL B 28 4.85 -17.18 15.74
N ILE B 29 5.24 -16.83 14.50
CA ILE B 29 4.32 -16.27 13.52
C ILE B 29 4.50 -17.01 12.19
N ASP B 30 3.39 -17.47 11.59
CA ASP B 30 3.43 -18.06 10.27
C ASP B 30 2.93 -17.07 9.23
N GLY B 31 3.50 -17.14 8.03
CA GLY B 31 3.03 -16.33 6.93
C GLY B 31 2.84 -17.14 5.66
N GLU B 32 1.82 -16.75 4.89
CA GLU B 32 1.61 -17.27 3.53
C GLU B 32 1.31 -16.09 2.63
N GLY B 33 2.01 -16.00 1.51
CA GLY B 33 1.77 -14.87 0.65
C GLY B 33 1.99 -15.18 -0.81
N THR B 34 1.87 -14.15 -1.61
CA THR B 34 2.02 -14.23 -3.06
C THR B 34 2.70 -12.95 -3.50
N GLY B 35 3.36 -13.01 -4.65
CA GLY B 35 4.01 -11.80 -5.11
C GLY B 35 4.45 -11.91 -6.55
N LYS B 36 4.90 -10.77 -7.06
CA LYS B 36 5.37 -10.63 -8.44
C LYS B 36 6.80 -10.13 -8.39
N PRO B 37 7.80 -11.00 -8.49
CA PRO B 37 9.19 -10.58 -8.22
C PRO B 37 9.68 -9.51 -9.17
N PHE B 38 9.26 -9.52 -10.44
CA PHE B 38 9.75 -8.54 -11.39
C PHE B 38 9.02 -7.20 -11.29
N GLU B 39 7.85 -7.17 -10.66
CA GLU B 39 7.17 -5.93 -10.31
C GLU B 39 7.61 -5.40 -8.96
N GLY B 40 8.30 -6.20 -8.15
CA GLY B 40 8.68 -5.75 -6.83
C GLY B 40 7.54 -5.64 -5.85
N LYS B 41 6.53 -6.49 -5.97
CA LYS B 41 5.37 -6.41 -5.10
C LYS B 41 5.09 -7.75 -4.44
N GLN B 42 4.69 -7.74 -3.17
CA GLN B 42 4.28 -8.97 -2.51
C GLN B 42 3.31 -8.65 -1.38
N SER B 43 2.48 -9.63 -1.08
CA SER B 43 1.47 -9.54 -0.05
C SER B 43 1.58 -10.78 0.81
N MET B 44 1.32 -10.67 2.12
CA MET B 44 1.38 -11.89 2.94
C MET B 44 0.34 -11.79 4.05
N ASP B 45 -0.31 -12.91 4.32
CA ASP B 45 -1.18 -13.06 5.47
C ASP B 45 -0.38 -13.66 6.61
N LEU B 46 -0.39 -13.00 7.75
CA LEU B 46 0.38 -13.42 8.92
C LEU B 46 -0.56 -13.88 10.03
N GLU B 47 -0.16 -14.93 10.76
CA GLU B 47 -0.95 -15.42 11.87
C GLU B 47 -0.02 -15.68 13.04
N VAL B 48 -0.29 -15.06 14.18
CA VAL B 48 0.47 -15.35 15.41
C VAL B 48 0.05 -16.73 15.90
N LYS B 49 1.03 -17.64 16.00
CA LYS B 49 0.76 -19.01 16.43
C LYS B 49 1.08 -19.25 17.89
N GLU B 50 2.09 -18.54 18.43
CA GLU B 50 2.44 -18.62 19.84
C GLU B 50 2.77 -17.21 20.31
N GLY B 51 2.44 -16.92 21.57
CA GLY B 51 2.80 -15.63 22.15
C GLY B 51 1.78 -14.53 22.00
N GLY B 52 0.63 -14.80 21.39
CA GLY B 52 -0.41 -13.80 21.24
C GLY B 52 -1.22 -13.62 22.51
N PRO B 53 -1.76 -12.41 22.71
CA PRO B 53 -1.58 -11.20 21.90
C PRO B 53 -0.21 -10.59 22.14
N LEU B 54 0.48 -10.21 21.06
CA LEU B 54 1.82 -9.65 21.20
C LEU B 54 1.77 -8.39 22.04
N PRO B 55 2.64 -8.23 23.03
CA PRO B 55 2.63 -7.03 23.89
C PRO B 55 3.44 -5.87 23.33
N PHE B 56 3.82 -5.91 22.06
CA PHE B 56 4.63 -4.86 21.46
C PHE B 56 4.07 -4.55 20.08
N ALA B 57 4.47 -3.41 19.55
CA ALA B 57 4.00 -2.94 18.25
C ALA B 57 4.38 -3.91 17.14
N PHE B 58 3.37 -4.39 16.41
CA PHE B 58 3.59 -5.30 15.30
C PHE B 58 4.55 -4.70 14.28
N ASP B 59 4.56 -3.36 14.16
CA ASP B 59 5.36 -2.72 13.13
C ASP B 59 6.85 -3.08 13.23
N ILE B 60 7.36 -3.40 14.43
CA ILE B 60 8.80 -3.70 14.48
C ILE B 60 9.13 -4.99 13.72
N LEU B 61 8.15 -5.85 13.48
CA LEU B 61 8.37 -7.12 12.83
C LEU B 61 8.25 -7.06 11.31
N THR B 62 7.59 -6.05 10.75
CA THR B 62 7.06 -6.20 9.40
C THR B 62 8.15 -6.26 8.34
N THR B 63 9.26 -5.54 8.52
CA THR B 63 10.33 -5.61 7.53
C THR B 63 11.10 -6.92 7.61
N ALA B 64 10.92 -7.71 8.68
CA ALA B 64 11.50 -9.04 8.70
C ALA B 64 10.66 -10.02 7.89
N PHE B 65 9.35 -9.76 7.75
CA PHE B 65 8.51 -10.58 6.87
C PHE B 65 8.73 -10.20 5.41
C1 5SQ B 66 10.48 -7.57 3.84
C2 5SQ B 66 12.80 -7.49 3.92
O3 5SQ B 66 13.17 -11.54 3.40
C3 5SQ B 66 12.78 -10.39 3.08
CA3 5SQ B 66 11.74 -9.81 4.00
N3 5SQ B 66 11.64 -8.37 3.90
O2 5SQ B 66 13.95 -7.69 3.98
CA1 5SQ B 66 9.11 -8.30 3.83
N1 5SQ B 66 8.88 -8.91 5.14
CB1 5SQ B 66 7.99 -7.30 3.51
CG1 5SQ B 66 6.68 -8.04 3.14
C2H 5SQ B 66 5.49 -7.41 2.94
N2H 5SQ B 66 4.61 -8.33 2.61
N1H 5SQ B 66 6.52 -9.33 2.91
C1H 5SQ B 66 5.21 -9.52 2.58
N2 5SQ B 66 10.74 -6.18 3.82
CA2 5SQ B 66 12.22 -6.06 3.89
CB2 5SQ B 66 12.58 -4.78 3.81
CG2 5SQ B 66 12.00 -3.41 3.87
CD2 5SQ B 66 10.68 -3.05 3.73
CE2 5SQ B 66 10.41 -1.71 3.91
CD1 5SQ B 66 13.02 -2.53 4.24
CE1 5SQ B 66 12.74 -1.19 4.41
CZ1 5SQ B 66 11.42 -0.82 4.23
OH 5SQ B 66 11.09 0.52 4.39
N ASN B 67 12.51 -10.07 1.82
CA ASN B 67 13.08 -10.87 0.74
C ASN B 67 13.22 -10.01 -0.49
N ARG B 68 14.46 -9.60 -0.76
CA ARG B 68 14.73 -8.62 -1.80
C ARG B 68 14.63 -9.19 -3.22
N VAL B 69 14.33 -10.49 -3.35
CA VAL B 69 13.86 -11.01 -4.64
C VAL B 69 12.67 -10.21 -5.14
N PHE B 70 11.83 -9.74 -4.22
CA PHE B 70 10.66 -8.95 -4.58
C PHE B 70 11.05 -7.47 -4.62
N ALA B 71 11.76 -7.13 -5.69
CA ALA B 71 12.16 -5.75 -5.94
C ALA B 71 12.34 -5.64 -7.44
N LYS B 72 11.84 -4.56 -8.03
CA LYS B 72 11.96 -4.32 -9.47
C LYS B 72 13.35 -3.81 -9.78
N TYR B 73 14.17 -4.65 -10.45
CA TYR B 73 15.52 -4.25 -10.83
C TYR B 73 15.55 -3.86 -12.29
N PRO B 74 16.06 -2.68 -12.63
CA PRO B 74 16.26 -2.34 -14.04
C PRO B 74 17.37 -3.20 -14.64
N ASP B 75 17.37 -3.31 -15.97
CA ASP B 75 18.31 -4.19 -16.65
C ASP B 75 19.76 -3.79 -16.41
N ASN B 76 20.03 -2.51 -16.14
CA ASN B 76 21.39 -2.02 -16.01
C ASN B 76 21.96 -2.21 -14.59
N ILE B 77 21.17 -2.72 -13.66
CA ILE B 77 21.63 -2.98 -12.29
C ILE B 77 21.61 -4.47 -12.05
N GLN B 78 22.74 -5.00 -11.59
CA GLN B 78 22.85 -6.43 -11.29
C GLN B 78 21.91 -6.82 -10.16
N ASP B 79 21.12 -7.87 -10.39
CA ASP B 79 20.10 -8.32 -9.45
C ASP B 79 20.67 -9.53 -8.71
N TYR B 80 21.37 -9.26 -7.60
CA TYR B 80 22.02 -10.30 -6.82
C TYR B 80 21.03 -11.32 -6.31
N PHE B 81 19.82 -10.86 -5.98
CA PHE B 81 18.86 -11.70 -5.28
C PHE B 81 18.22 -12.72 -6.22
N LYS B 82 17.76 -12.27 -7.39
CA LYS B 82 17.23 -13.24 -8.33
C LYS B 82 18.33 -14.16 -8.84
N GLN B 83 19.57 -13.68 -8.94
CA GLN B 83 20.64 -14.58 -9.37
C GLN B 83 21.06 -15.57 -8.30
N SER B 84 20.58 -15.42 -7.06
CA SER B 84 20.90 -16.31 -5.97
CA SER B 84 20.94 -16.34 -6.00
C SER B 84 20.11 -17.61 -6.03
N PHE B 85 19.10 -17.68 -6.88
CA PHE B 85 18.31 -18.88 -6.85
C PHE B 85 18.67 -19.79 -8.03
N PRO B 86 18.46 -21.11 -7.92
CA PRO B 86 17.64 -21.83 -6.92
C PRO B 86 18.17 -22.05 -5.51
N LYS B 87 19.49 -21.98 -5.27
CA LYS B 87 20.01 -22.38 -3.96
C LYS B 87 19.59 -21.39 -2.87
N GLY B 88 19.47 -20.11 -3.19
CA GLY B 88 18.94 -19.13 -2.27
C GLY B 88 20.01 -18.27 -1.63
N TYR B 89 19.59 -17.55 -0.59
CA TYR B 89 20.49 -16.62 0.08
C TYR B 89 19.95 -16.40 1.48
N SER B 90 20.74 -15.68 2.29
CA SER B 90 20.34 -15.35 3.65
CA SER B 90 20.37 -15.37 3.67
C SER B 90 20.69 -13.90 3.95
N TRP B 91 19.99 -13.33 4.91
CA TRP B 91 20.38 -12.00 5.36
C TRP B 91 20.40 -11.94 6.88
N GLU B 92 21.19 -10.99 7.38
CA GLU B 92 21.31 -10.73 8.82
C GLU B 92 21.21 -9.23 9.00
N ARG B 93 20.41 -8.80 9.97
CA ARG B 93 20.03 -7.40 10.06
C ARG B 93 20.09 -6.92 11.51
N SER B 94 20.63 -5.73 11.71
CA SER B 94 20.52 -5.03 12.99
C SER B 94 19.57 -3.86 12.82
N MET B 95 18.74 -3.64 13.84
CA MET B 95 17.75 -2.58 13.86
C MET B 95 17.99 -1.81 15.14
N THR B 96 18.48 -0.59 15.06
CA THR B 96 18.82 0.17 16.25
C THR B 96 17.86 1.36 16.40
N PHE B 97 16.96 1.26 17.37
CA PHE B 97 15.98 2.31 17.59
C PHE B 97 16.55 3.41 18.48
N GLU B 98 16.10 4.64 18.26
CA GLU B 98 16.72 5.80 18.87
C GLU B 98 16.62 5.79 20.40
N ASP B 99 15.63 5.11 20.97
CA ASP B 99 15.49 5.07 22.42
C ASP B 99 16.19 3.86 23.04
N GLY B 100 17.04 3.19 22.28
CA GLY B 100 17.84 2.11 22.82
C GLY B 100 17.30 0.73 22.56
N GLY B 101 16.07 0.59 22.07
CA GLY B 101 15.61 -0.72 21.66
C GLY B 101 16.47 -1.23 20.51
N ILE B 102 16.83 -2.51 20.57
CA ILE B 102 17.71 -3.08 19.55
C ILE B 102 17.14 -4.42 19.11
N CYS B 103 17.08 -4.64 17.79
CA CYS B 103 16.68 -5.93 17.27
C CYS B 103 17.77 -6.49 16.36
N ASN B 104 17.86 -7.81 16.35
CA ASN B 104 18.68 -8.56 15.41
C ASN B 104 17.79 -9.60 14.75
N ALA B 105 17.82 -9.66 13.43
CA ALA B 105 16.99 -10.61 12.74
C ALA B 105 17.80 -11.29 11.65
N ARG B 106 17.36 -12.48 11.27
CA ARG B 106 17.97 -13.21 10.17
C ARG B 106 16.90 -13.96 9.41
N ASN B 107 17.15 -14.17 8.12
CA ASN B 107 16.25 -14.94 7.28
C ASN B 107 17.09 -15.83 6.39
N ASP B 108 16.79 -17.11 6.39
CA ASP B 108 17.33 -18.06 5.42
C ASP B 108 16.25 -18.35 4.39
N ILE B 109 16.50 -17.95 3.14
CA ILE B 109 15.53 -18.09 2.06
C ILE B 109 15.95 -19.16 1.08
N THR B 110 15.05 -20.12 0.88
CA THR B 110 15.19 -21.19 -0.08
C THR B 110 13.99 -21.19 -1.00
N MET B 111 14.03 -22.05 -2.00
CA MET B 111 12.95 -22.11 -2.96
C MET B 111 12.65 -23.58 -3.27
N GLU B 112 11.36 -23.90 -3.35
CA GLU B 112 10.93 -25.21 -3.83
C GLU B 112 9.79 -24.97 -4.80
N GLY B 113 9.92 -25.46 -6.02
CA GLY B 113 8.90 -25.15 -7.02
C GLY B 113 8.74 -23.66 -7.19
N ASP B 114 7.49 -23.21 -7.12
CA ASP B 114 7.16 -21.80 -7.26
C ASP B 114 7.09 -21.05 -5.94
N THR B 115 7.61 -21.61 -4.85
CA THR B 115 7.43 -21.05 -3.51
C THR B 115 8.77 -20.71 -2.90
N PHE B 116 8.88 -19.50 -2.33
CA PHE B 116 9.99 -19.16 -1.46
C PHE B 116 9.67 -19.58 -0.03
N TYR B 117 10.64 -20.20 0.63
CA TYR B 117 10.53 -20.58 2.03
C TYR B 117 11.46 -19.71 2.85
N ASN B 118 10.95 -19.18 3.97
CA ASN B 118 11.65 -18.22 4.80
C ASN B 118 11.70 -18.73 6.23
N LYS B 119 12.91 -18.90 6.76
CA LYS B 119 13.11 -19.30 8.14
C LYS B 119 13.67 -18.07 8.82
N VAL B 120 12.83 -17.37 9.60
CA VAL B 120 13.17 -16.08 10.16
C VAL B 120 13.35 -16.23 11.67
N ARG B 121 14.37 -15.57 12.20
CA ARG B 121 14.55 -15.45 13.64
C ARG B 121 14.60 -13.97 13.98
N PHE B 122 13.92 -13.58 15.04
CA PHE B 122 13.81 -12.17 15.42
C PHE B 122 14.04 -12.03 16.91
N TYR B 123 15.05 -11.25 17.30
CA TYR B 123 15.37 -11.02 18.71
C TYR B 123 15.38 -9.52 18.97
N GLY B 124 14.60 -9.09 19.96
CA GLY B 124 14.59 -7.69 20.35
C GLY B 124 14.85 -7.56 21.84
N THR B 125 15.50 -6.47 22.21
CA THR B 125 15.79 -6.28 23.62
C THR B 125 15.93 -4.79 23.93
N ASN B 126 15.78 -4.46 25.22
CA ASN B 126 16.00 -3.12 25.73
C ASN B 126 14.97 -2.10 25.25
N PHE B 127 13.79 -2.55 24.83
CA PHE B 127 12.73 -1.60 24.55
C PHE B 127 12.20 -1.05 25.87
N PRO B 128 12.17 0.27 26.04
CA PRO B 128 11.67 0.83 27.30
C PRO B 128 10.20 0.47 27.50
N ALA B 129 9.84 0.17 28.75
CA ALA B 129 8.47 -0.21 29.07
C ALA B 129 7.47 0.83 28.61
N ASN B 130 7.84 2.11 28.66
CA ASN B 130 6.92 3.18 28.30
C ASN B 130 7.28 3.85 26.98
N GLY B 131 8.10 3.20 26.15
CA GLY B 131 8.36 3.66 24.80
C GLY B 131 7.24 3.28 23.85
N PRO B 132 7.33 3.82 22.62
CA PRO B 132 6.24 3.64 21.66
C PRO B 132 6.07 2.22 21.21
N VAL B 133 7.12 1.40 21.28
CA VAL B 133 6.98 0.00 20.86
C VAL B 133 6.19 -0.79 21.90
N MET B 134 6.57 -0.71 23.18
CA MET B 134 5.84 -1.48 24.16
C MET B 134 4.47 -0.88 24.48
N GLN B 135 4.26 0.41 24.19
CA GLN B 135 2.96 1.03 24.41
C GLN B 135 2.07 0.99 23.17
N LYS B 136 2.59 0.44 22.06
CA LYS B 136 1.84 0.26 20.82
C LYS B 136 1.30 1.59 20.28
N LYS B 137 2.22 2.55 20.15
CA LYS B 137 1.92 3.88 19.65
C LYS B 137 2.36 4.10 18.20
N THR B 138 2.73 3.04 17.49
CA THR B 138 3.24 3.20 16.14
C THR B 138 2.10 3.11 15.13
N LEU B 139 2.30 3.78 13.99
CA LEU B 139 1.29 3.86 12.94
C LEU B 139 1.76 3.22 11.64
N LYS B 140 2.98 3.51 11.18
CA LYS B 140 3.49 2.94 9.94
C LYS B 140 4.97 3.30 9.81
N TRP B 141 5.66 2.55 8.95
CA TRP B 141 6.98 2.98 8.51
C TRP B 141 6.83 3.99 7.38
N GLU B 142 7.63 5.06 7.44
CA GLU B 142 7.71 5.98 6.32
C GLU B 142 8.41 5.31 5.14
N PRO B 143 8.05 5.68 3.91
CA PRO B 143 8.79 5.17 2.75
C PRO B 143 10.27 5.47 2.91
N SER B 144 11.11 4.56 2.42
CA SER B 144 12.53 4.64 2.68
C SER B 144 13.31 4.35 1.42
N THR B 145 14.62 4.59 1.51
CA THR B 145 15.56 4.26 0.44
C THR B 145 16.74 3.53 1.09
N GLU B 146 16.94 2.29 0.68
CA GLU B 146 18.03 1.47 1.18
C GLU B 146 19.24 1.67 0.29
N LYS B 147 20.38 1.99 0.91
CA LYS B 147 21.64 2.19 0.20
C LYS B 147 22.35 0.84 0.12
N MET B 148 22.45 0.29 -1.09
CA MET B 148 23.10 -1.01 -1.33
C MET B 148 24.53 -0.76 -1.77
N TYR B 149 25.47 -1.42 -1.09
CA TYR B 149 26.88 -1.25 -1.43
C TYR B 149 27.64 -2.46 -0.91
N VAL B 150 28.92 -2.52 -1.26
CA VAL B 150 29.78 -3.64 -0.88
C VAL B 150 30.75 -3.15 0.19
N ARG B 151 30.64 -3.72 1.38
CA ARG B 151 31.52 -3.38 2.49
C ARG B 151 32.30 -4.64 2.84
N ASP B 152 33.61 -4.62 2.60
CA ASP B 152 34.50 -5.73 2.91
C ASP B 152 34.11 -6.99 2.14
N GLY B 153 33.72 -6.82 0.88
CA GLY B 153 33.31 -7.94 0.06
C GLY B 153 31.93 -8.48 0.34
N VAL B 154 31.13 -7.80 1.16
CA VAL B 154 29.80 -8.28 1.54
C VAL B 154 28.76 -7.26 1.12
N LEU B 155 27.75 -7.73 0.38
CA LEU B 155 26.65 -6.85 0.01
C LEU B 155 25.88 -6.40 1.26
N THR B 156 25.76 -5.08 1.39
CA THR B 156 25.22 -4.46 2.60
C THR B 156 24.18 -3.44 2.21
N GLY B 157 23.10 -3.37 2.99
CA GLY B 157 22.09 -2.35 2.82
C GLY B 157 21.94 -1.54 4.08
N ASP B 158 22.05 -0.21 3.98
CA ASP B 158 21.86 0.71 5.11
C ASP B 158 20.61 1.53 4.90
N ILE B 159 19.81 1.70 5.96
CA ILE B 159 18.59 2.53 5.87
C ILE B 159 18.48 3.33 7.17
N GLU B 160 18.14 4.63 7.04
CA GLU B 160 17.68 5.39 8.21
C GLU B 160 16.16 5.39 8.13
N MET B 161 15.54 4.57 8.95
CA MET B 161 14.10 4.35 8.90
C MET B 161 13.40 5.25 9.92
N ALA B 162 12.11 5.45 9.72
CA ALA B 162 11.33 6.22 10.69
C ALA B 162 9.94 5.62 10.80
N LEU B 163 9.51 5.32 12.03
CA LEU B 163 8.13 4.97 12.33
C LEU B 163 7.37 6.25 12.68
N LEU B 164 6.24 6.45 12.02
CA LEU B 164 5.30 7.48 12.44
C LEU B 164 4.58 7.03 13.70
N LEU B 165 4.45 7.94 14.67
CA LEU B 165 3.78 7.66 15.93
C LEU B 165 2.44 8.37 15.98
N GLU B 166 1.54 7.83 16.80
CA GLU B 166 0.33 8.55 17.12
C GLU B 166 0.70 9.91 17.68
N GLY B 167 0.06 10.95 17.17
CA GLY B 167 0.38 12.31 17.56
C GLY B 167 1.31 13.03 16.61
N GLY B 168 1.97 12.31 15.69
CA GLY B 168 2.71 12.94 14.61
C GLY B 168 4.21 12.88 14.73
N ALA B 169 4.76 12.52 15.88
CA ALA B 169 6.21 12.42 15.99
C ALA B 169 6.73 11.24 15.19
N HIS B 170 8.03 11.27 14.90
CA HIS B 170 8.71 10.16 14.26
C HIS B 170 9.69 9.53 15.23
N TYR B 171 9.92 8.23 15.03
CA TYR B 171 10.70 7.38 15.93
C TYR B 171 11.73 6.70 15.04
N ARG B 172 12.99 7.08 15.19
CA ARG B 172 14.04 6.72 14.25
C ARG B 172 14.59 5.32 14.52
N CYS B 173 14.93 4.61 13.44
CA CYS B 173 15.58 3.31 13.56
C CYS B 173 16.62 3.18 12.45
N ASP B 174 17.85 2.81 12.80
CA ASP B 174 18.91 2.57 11.83
C ASP B 174 18.99 1.08 11.50
N PHE B 175 18.86 0.75 10.22
CA PHE B 175 18.94 -0.62 9.71
C PHE B 175 20.31 -0.83 9.08
N ARG B 176 20.96 -1.95 9.37
CA ARG B 176 22.04 -2.44 8.53
C ARG B 176 21.80 -3.92 8.27
N THR B 177 21.78 -4.30 7.00
CA THR B 177 21.55 -5.68 6.60
C THR B 177 22.71 -6.16 5.75
N THR B 178 23.18 -7.36 6.00
CA THR B 178 24.12 -8.00 5.08
C THR B 178 23.41 -9.14 4.37
N TYR B 179 23.73 -9.32 3.09
CA TYR B 179 23.08 -10.27 2.21
C TYR B 179 24.13 -11.20 1.63
N LYS B 180 23.92 -12.51 1.70
CA LYS B 180 24.91 -13.46 1.22
C LYS B 180 24.22 -14.60 0.48
N ALA B 181 24.55 -14.77 -0.80
CA ALA B 181 24.08 -15.92 -1.56
C ALA B 181 24.68 -17.23 -1.03
N LYS B 182 23.90 -18.30 -1.15
CA LYS B 182 24.36 -19.62 -0.70
C LYS B 182 25.40 -20.20 -1.65
N GLU B 183 25.22 -19.99 -2.94
CA GLU B 183 26.16 -20.51 -3.94
C GLU B 183 27.35 -19.58 -4.08
N LYS B 184 28.53 -20.17 -4.25
CA LYS B 184 29.71 -19.35 -4.44
C LYS B 184 29.75 -18.79 -5.85
N GLY B 185 30.29 -17.59 -5.98
CA GLY B 185 30.49 -16.98 -7.28
C GLY B 185 29.32 -16.19 -7.85
N VAL B 186 28.27 -15.92 -7.07
CA VAL B 186 27.23 -15.00 -7.52
C VAL B 186 27.82 -13.60 -7.59
N LYS B 187 27.72 -12.98 -8.77
CA LYS B 187 28.36 -11.70 -9.02
C LYS B 187 27.73 -10.62 -8.14
N LEU B 188 28.58 -9.86 -7.44
CA LEU B 188 28.09 -8.77 -6.61
C LEU B 188 27.61 -7.61 -7.49
N PRO B 189 26.61 -6.86 -7.04
CA PRO B 189 26.15 -5.71 -7.83
C PRO B 189 27.03 -4.50 -7.58
N GLY B 190 26.92 -3.52 -8.49
CA GLY B 190 27.47 -2.19 -8.21
C GLY B 190 26.63 -1.49 -7.16
N ALA B 191 27.14 -0.37 -6.65
CA ALA B 191 26.36 0.32 -5.62
C ALA B 191 25.08 0.86 -6.22
N HIS B 192 23.98 0.80 -5.45
CA HIS B 192 22.69 1.28 -5.95
C HIS B 192 21.76 1.53 -4.76
N PHE B 193 20.48 1.77 -5.06
CA PHE B 193 19.48 2.07 -4.06
C PHE B 193 18.23 1.23 -4.32
N VAL B 194 17.48 0.98 -3.25
CA VAL B 194 16.18 0.33 -3.37
C VAL B 194 15.18 1.17 -2.60
N ASP B 195 14.19 1.72 -3.30
CA ASP B 195 13.09 2.39 -2.61
C ASP B 195 12.11 1.37 -2.10
N HIS B 196 11.65 1.56 -0.87
CA HIS B 196 10.71 0.66 -0.22
C HIS B 196 9.48 1.41 0.27
N CYS B 197 8.34 0.74 0.23
CA CYS B 197 7.23 1.13 1.09
C CYS B 197 6.59 -0.16 1.60
N ILE B 198 6.13 -0.12 2.83
CA ILE B 198 5.54 -1.30 3.47
C ILE B 198 4.31 -0.84 4.24
N GLU B 199 3.26 -1.64 4.19
CA GLU B 199 1.93 -1.23 4.65
C GLU B 199 1.21 -2.41 5.29
N ILE B 200 0.70 -2.23 6.50
CA ILE B 200 -0.28 -3.17 7.05
C ILE B 200 -1.62 -2.82 6.41
N LEU B 201 -2.14 -3.74 5.59
CA LEU B 201 -3.39 -3.49 4.89
C LEU B 201 -4.61 -3.71 5.78
N SER B 202 -4.51 -4.65 6.72
CA SER B 202 -5.62 -4.98 7.62
C SER B 202 -5.05 -5.78 8.78
N HIS B 203 -5.82 -5.85 9.85
CA HIS B 203 -5.40 -6.59 11.04
C HIS B 203 -6.62 -6.77 11.93
N ASP B 204 -6.60 -7.80 12.76
CA ASP B 204 -7.64 -7.92 13.77
C ASP B 204 -7.21 -7.15 15.02
N LYS B 205 -8.09 -7.14 16.03
CA LYS B 205 -7.93 -6.20 17.14
C LYS B 205 -6.57 -6.31 17.82
N ASP B 206 -6.09 -7.53 18.05
CA ASP B 206 -4.86 -7.77 18.80
C ASP B 206 -3.66 -8.03 17.89
N TYR B 207 -3.82 -7.85 16.58
CA TYR B 207 -2.78 -8.14 15.59
C TYR B 207 -2.37 -9.61 15.63
N ASN B 208 -3.30 -10.51 15.97
CA ASN B 208 -3.07 -11.94 15.78
C ASN B 208 -3.13 -12.32 14.31
N LYS B 209 -3.89 -11.57 13.51
CA LYS B 209 -3.95 -11.78 12.07
C LYS B 209 -3.65 -10.44 11.41
N VAL B 210 -2.74 -10.44 10.44
CA VAL B 210 -2.28 -9.21 9.81
C VAL B 210 -2.09 -9.50 8.33
N LYS B 211 -2.51 -8.57 7.47
CA LYS B 211 -2.19 -8.63 6.06
C LYS B 211 -1.22 -7.51 5.72
N LEU B 212 -0.13 -7.86 5.04
CA LEU B 212 1.03 -7.00 4.86
C LEU B 212 1.34 -6.90 3.38
N TYR B 213 1.83 -5.73 2.96
CA TYR B 213 2.18 -5.50 1.56
C TYR B 213 3.45 -4.70 1.49
N GLU B 214 4.28 -5.00 0.48
CA GLU B 214 5.50 -4.25 0.26
C GLU B 214 5.70 -4.03 -1.23
N HIS B 215 6.25 -2.86 -1.57
CA HIS B 215 6.62 -2.52 -2.94
C HIS B 215 8.04 -2.01 -2.92
N ALA B 216 8.92 -2.58 -3.75
CA ALA B 216 10.33 -2.20 -3.72
C ALA B 216 10.83 -2.05 -5.16
N VAL B 217 11.60 -0.99 -5.41
CA VAL B 217 12.08 -0.69 -6.77
C VAL B 217 13.53 -0.23 -6.65
N ALA B 218 14.42 -0.91 -7.38
CA ALA B 218 15.83 -0.55 -7.38
C ALA B 218 16.12 0.56 -8.42
N HIS B 219 17.09 1.41 -8.10
CA HIS B 219 17.48 2.46 -9.03
C HIS B 219 18.91 2.89 -8.75
N SER B 220 19.52 3.56 -9.74
CA SER B 220 20.87 4.06 -9.55
C SER B 220 20.91 5.39 -8.83
N GLY B 221 19.77 6.05 -8.65
CA GLY B 221 19.74 7.32 -7.95
C GLY B 221 20.49 8.43 -8.65
S1 DTT C . -1.63 3.48 -0.02
C1 DTT C . -0.14 2.59 0.50
C2 DTT C . 1.09 3.17 -0.16
O2 DTT C . 0.89 3.15 -1.56
C3 DTT C . 2.35 2.38 0.21
O3 DTT C . 2.49 2.38 1.62
C4 DTT C . 2.27 0.94 -0.24
S4 DTT C . 3.88 0.13 -0.09
#